data_1AO9
#
_entry.id   1AO9
#
_cell.length_a   1.000
_cell.length_b   1.000
_cell.length_c   1.000
_cell.angle_alpha   90.00
_cell.angle_beta   90.00
_cell.angle_gamma   90.00
#
_symmetry.space_group_name_H-M   'P 1'
#
_entity_poly.entity_id   1
_entity_poly.type   'polydeoxyribonucleotide'
_entity_poly.pdbx_seq_one_letter_code
;(DG)(DA)(DG)(DA)(DG)(DA)(DOP)(DT)(DC)(DT)(DC)(DT)(DC)
;
_entity_poly.pdbx_strand_id   A
#
loop_
_chem_comp.id
_chem_comp.type
_chem_comp.name
_chem_comp.formula
DA DNA linking 2'-DEOXYADENOSINE-5'-MONOPHOSPHATE 'C10 H14 N5 O6 P'
DC DNA linking 2'-DEOXYCYTIDINE-5'-MONOPHOSPHATE 'C9 H14 N3 O7 P'
DG DNA linking 2'-DEOXYGUANOSINE-5'-MONOPHOSPHATE 'C10 H14 N5 O7 P'
DOP non-polymer DIOCTYLPHOSPHATE 'C16 H35 O4 P'
DT DNA linking THYMIDINE-5'-MONOPHOSPHATE 'C10 H15 N2 O8 P'
#